data_7ZV4
#
_entry.id   7ZV4
#
_cell.length_a   49.119
_cell.length_b   60.490
_cell.length_c   80.803
_cell.angle_alpha   90.000
_cell.angle_beta   90.000
_cell.angle_gamma   90.000
#
_symmetry.space_group_name_H-M   'P 21 21 21'
#
loop_
_entity.id
_entity.type
_entity.pdbx_description
1 polymer 'Serine protease subunit NS2B'
2 polymer 'Serine protease NS3'
3 non-polymer 1-[(5R,8R,15S,18S)-15-[[3-(aminomethyl)phenyl]methyl]-18-(4-azanylbutyl)-5-(cyclohexylmethyl)-4,7,14,17,20-pentakis(oxidanylidene)-3,6,13,16,19-pentazabicyclo[20.3.1]hexacosa-1(25),22(26),23-trien-8-yl]guanidine
4 water water
#
loop_
_entity_poly.entity_id
_entity_poly.type
_entity_poly.pdbx_seq_one_letter_code
_entity_poly.pdbx_strand_id
1 'polypeptide(L)' MTGKSVDMYIERAGDITWEKDAEVTGNSPRLDVALDESGDFSLVEEDGPPMRE A
2 'polypeptide(L)'
;GSGALWDVPAPKEVKKGETTDGVYRVMTRRLLGSTQVGVGVMQEGVFHTMWHVTKGAALRSGEGRLDPYWGDVKQDLVSY
CGPWKLDAAWDGLSEVQLLAVPPGERAKNIQTLPGIFKTKDGDIGAVALDYPAGTSGSPILDKCGRVIGLYGNGVVIKNG
SYVSAITQGKREEETPVE
;
B
#
# COMPACT_ATOMS: atom_id res chain seq x y z
N VAL A 6 -1.99 8.96 -22.35
CA VAL A 6 -1.56 7.85 -21.50
C VAL A 6 -2.78 7.18 -20.84
N ASP A 7 -3.00 5.91 -21.17
CA ASP A 7 -4.18 5.16 -20.72
C ASP A 7 -3.81 4.44 -19.41
N MET A 8 -4.28 4.97 -18.29
CA MET A 8 -4.10 4.34 -16.99
C MET A 8 -5.40 3.61 -16.64
N TYR A 9 -5.30 2.33 -16.30
CA TYR A 9 -6.47 1.53 -16.04
C TYR A 9 -6.21 0.50 -14.94
N ILE A 10 -7.29 -0.08 -14.42
CA ILE A 10 -7.16 -1.06 -13.34
C ILE A 10 -7.71 -2.41 -13.82
N GLU A 11 -7.13 -3.48 -13.26
CA GLU A 11 -7.62 -4.82 -13.52
C GLU A 11 -7.58 -5.62 -12.23
N ARG A 12 -8.61 -6.42 -11.99
CA ARG A 12 -8.70 -7.13 -10.72
C ARG A 12 -7.57 -8.14 -10.62
N ALA A 13 -7.03 -8.31 -9.41
CA ALA A 13 -5.93 -9.21 -9.14
C ALA A 13 -6.23 -10.24 -8.05
N GLY A 14 -7.27 -10.05 -7.26
CA GLY A 14 -7.57 -11.03 -6.23
C GLY A 14 -8.53 -10.52 -5.18
N ASP A 15 -8.87 -11.44 -4.29
CA ASP A 15 -9.73 -11.19 -3.15
C ASP A 15 -8.84 -10.81 -1.98
N ILE A 16 -9.32 -9.92 -1.11
CA ILE A 16 -8.53 -9.46 0.03
C ILE A 16 -8.87 -10.36 1.20
N THR A 17 -7.97 -11.32 1.46
CA THR A 17 -8.17 -12.39 2.41
C THR A 17 -6.87 -12.68 3.13
N TRP A 18 -6.98 -13.00 4.42
CA TRP A 18 -5.85 -13.51 5.20
C TRP A 18 -5.62 -14.97 4.87
N GLU A 19 -4.37 -15.37 4.64
CA GLU A 19 -4.03 -16.76 4.36
C GLU A 19 -3.69 -17.49 5.66
N LYS A 20 -4.38 -18.62 5.91
CA LYS A 20 -4.34 -19.24 7.24
C LYS A 20 -3.01 -19.90 7.53
N ASP A 21 -2.31 -20.39 6.51
CA ASP A 21 -1.04 -21.08 6.70
C ASP A 21 0.00 -20.38 5.84
N ALA A 22 0.48 -19.23 6.31
CA ALA A 22 1.32 -18.34 5.52
C ALA A 22 2.76 -18.36 6.02
N GLU A 23 3.68 -18.06 5.09
CA GLU A 23 5.08 -17.96 5.45
C GLU A 23 5.30 -16.71 6.29
N VAL A 24 5.92 -16.88 7.47
CA VAL A 24 6.33 -15.78 8.33
C VAL A 24 7.77 -15.45 8.05
N THR A 25 8.05 -14.19 7.71
CA THR A 25 9.39 -13.84 7.27
C THR A 25 9.63 -12.35 7.47
N GLY A 26 10.90 -11.98 7.33
CA GLY A 26 11.31 -10.61 7.51
C GLY A 26 11.61 -10.29 8.97
N ASN A 27 12.38 -9.23 9.18
CA ASN A 27 12.68 -8.80 10.53
C ASN A 27 11.76 -7.63 10.92
N SER A 28 12.05 -7.02 12.06
CA SER A 28 11.15 -6.03 12.66
C SER A 28 12.00 -4.85 13.11
N PRO A 29 12.52 -4.09 12.17
CA PRO A 29 13.49 -3.05 12.54
C PRO A 29 12.83 -1.89 13.25
N ARG A 30 13.60 -1.27 14.16
CA ARG A 30 13.16 -0.08 14.89
C ARG A 30 14.03 1.09 14.42
N LEU A 31 13.46 2.02 13.66
CA LEU A 31 14.22 3.05 12.96
C LEU A 31 13.71 4.44 13.33
N ASP A 32 14.65 5.36 13.55
CA ASP A 32 14.33 6.77 13.68
C ASP A 32 14.28 7.37 12.27
N VAL A 33 13.15 7.94 11.91
CA VAL A 33 12.98 8.48 10.57
C VAL A 33 12.27 9.81 10.66
N ALA A 34 12.43 10.59 9.58
CA ALA A 34 11.78 11.86 9.39
C ALA A 34 10.99 11.83 8.10
N LEU A 35 9.97 12.69 8.04
CA LEU A 35 9.02 12.74 6.93
C LEU A 35 8.93 14.19 6.48
N ASP A 36 9.33 14.46 5.24
CA ASP A 36 9.29 15.83 4.77
C ASP A 36 7.93 16.10 4.11
N GLU A 37 7.74 17.34 3.65
CA GLU A 37 6.43 17.78 3.17
C GLU A 37 6.08 17.15 1.83
N SER A 38 7.04 16.56 1.14
CA SER A 38 6.79 15.86 -0.11
C SER A 38 6.41 14.41 0.10
N GLY A 39 6.30 13.97 1.36
CA GLY A 39 5.93 12.60 1.62
C GLY A 39 7.07 11.61 1.53
N ASP A 40 8.32 12.07 1.68
CA ASP A 40 9.49 11.20 1.60
C ASP A 40 10.01 10.93 3.00
N PHE A 41 10.18 9.65 3.32
CA PHE A 41 10.85 9.28 4.56
C PHE A 41 12.36 9.27 4.36
N SER A 42 13.07 9.61 5.42
CA SER A 42 14.53 9.51 5.44
C SER A 42 14.97 9.04 6.81
N LEU A 43 16.10 8.33 6.85
CA LEU A 43 16.69 7.93 8.11
C LEU A 43 17.34 9.12 8.81
N VAL A 44 17.28 9.11 10.12
CA VAL A 44 17.92 10.12 10.95
C VAL A 44 19.24 9.56 11.44
N GLU A 45 20.29 10.38 11.40
CA GLU A 45 21.61 9.98 11.87
C GLU A 45 22.58 11.15 11.80
N GLU B 18 -16.74 -1.42 -13.43
CA GLU B 18 -17.38 -1.63 -12.15
C GLU B 18 -16.39 -1.40 -11.01
N THR B 19 -16.89 -1.42 -9.78
CA THR B 19 -16.11 -1.13 -8.60
C THR B 19 -16.20 -2.25 -7.59
N THR B 20 -16.14 -3.50 -8.04
CA THR B 20 -16.36 -4.61 -7.10
C THR B 20 -15.18 -4.70 -6.15
N ASP B 21 -15.47 -5.05 -4.91
CA ASP B 21 -14.41 -5.10 -3.90
C ASP B 21 -13.28 -6.02 -4.36
N GLY B 22 -12.06 -5.66 -4.00
CA GLY B 22 -10.91 -6.47 -4.29
C GLY B 22 -9.62 -5.67 -4.38
N VAL B 23 -8.53 -6.40 -4.64
CA VAL B 23 -7.24 -5.78 -4.92
C VAL B 23 -7.04 -5.77 -6.43
N TYR B 24 -6.47 -4.68 -6.94
CA TYR B 24 -6.38 -4.43 -8.37
C TYR B 24 -4.97 -4.02 -8.73
N ARG B 25 -4.53 -4.40 -9.92
CA ARG B 25 -3.35 -3.82 -10.50
C ARG B 25 -3.69 -2.49 -11.15
N VAL B 26 -2.76 -1.52 -11.05
CA VAL B 26 -2.81 -0.27 -11.78
C VAL B 26 -1.82 -0.33 -12.92
N MET B 27 -2.34 -0.22 -14.16
CA MET B 27 -1.59 -0.42 -15.39
C MET B 27 -1.57 0.85 -16.23
N THR B 28 -0.54 0.98 -17.07
CA THR B 28 -0.52 2.00 -18.13
C THR B 28 -0.23 1.33 -19.46
N ARG B 29 -0.81 1.88 -20.54
CA ARG B 29 -0.59 1.35 -21.87
C ARG B 29 -0.36 2.50 -22.85
N GLY B 33 1.97 -2.27 -25.61
CA GLY B 33 2.05 -3.09 -24.39
C GLY B 33 1.86 -2.33 -23.09
N SER B 34 1.59 -3.07 -22.00
CA SER B 34 1.22 -2.50 -20.71
C SER B 34 2.33 -2.66 -19.68
N THR B 35 2.34 -1.74 -18.74
CA THR B 35 3.25 -1.73 -17.60
C THR B 35 2.45 -1.62 -16.31
N GLN B 36 2.84 -2.38 -15.30
CA GLN B 36 2.19 -2.26 -13.99
C GLN B 36 2.92 -1.21 -13.17
N VAL B 37 2.22 -0.13 -12.85
CA VAL B 37 2.83 0.94 -12.05
C VAL B 37 2.45 0.86 -10.58
N GLY B 38 1.39 0.13 -10.24
CA GLY B 38 1.06 -0.07 -8.85
C GLY B 38 -0.12 -0.98 -8.65
N VAL B 39 -0.73 -0.79 -7.49
CA VAL B 39 -1.75 -1.68 -6.92
C VAL B 39 -2.67 -0.79 -6.10
N GLY B 40 -3.89 -1.25 -5.88
CA GLY B 40 -4.79 -0.56 -4.98
C GLY B 40 -5.95 -1.45 -4.55
N VAL B 41 -6.78 -0.87 -3.68
CA VAL B 41 -7.86 -1.56 -2.99
C VAL B 41 -9.19 -0.90 -3.33
N MET B 42 -10.16 -1.71 -3.80
CA MET B 42 -11.54 -1.25 -3.94
C MET B 42 -12.29 -1.67 -2.69
N GLN B 43 -12.88 -0.71 -1.99
CA GLN B 43 -13.72 -1.00 -0.85
C GLN B 43 -14.80 0.08 -0.74
N GLU B 44 -16.05 -0.36 -0.54
CA GLU B 44 -17.18 0.54 -0.36
C GLU B 44 -17.29 1.55 -1.51
N GLY B 45 -17.01 1.09 -2.72
CA GLY B 45 -17.17 1.90 -3.91
C GLY B 45 -16.09 2.93 -4.12
N VAL B 46 -14.98 2.81 -3.40
CA VAL B 46 -13.86 3.76 -3.44
C VAL B 46 -12.59 2.99 -3.74
N PHE B 47 -11.78 3.51 -4.67
CA PHE B 47 -10.48 2.94 -4.99
C PHE B 47 -9.40 3.70 -4.23
N HIS B 48 -8.54 2.96 -3.55
CA HIS B 48 -7.50 3.49 -2.69
C HIS B 48 -6.14 3.08 -3.25
N THR B 49 -5.25 4.05 -3.43
CA THR B 49 -3.88 3.72 -3.85
C THR B 49 -2.92 4.78 -3.34
N MET B 50 -1.66 4.63 -3.69
CA MET B 50 -0.66 5.58 -3.25
C MET B 50 -0.55 6.68 -4.30
N TRP B 51 -0.33 7.91 -3.82
CA TRP B 51 -0.25 9.06 -4.73
C TRP B 51 0.83 8.87 -5.79
N HIS B 52 2.00 8.33 -5.41
CA HIS B 52 3.09 8.25 -6.37
C HIS B 52 2.82 7.25 -7.49
N VAL B 53 1.78 6.42 -7.35
CA VAL B 53 1.40 5.47 -8.40
C VAL B 53 0.68 6.17 -9.54
N THR B 54 -0.34 6.97 -9.23
CA THR B 54 -1.18 7.56 -10.25
C THR B 54 -1.01 9.06 -10.42
N LYS B 55 -0.43 9.74 -9.43
CA LYS B 55 -0.38 11.21 -9.41
C LYS B 55 -1.76 11.83 -9.56
N GLY B 56 -2.78 11.12 -9.10
CA GLY B 56 -4.15 11.58 -9.15
C GLY B 56 -4.79 11.55 -10.52
N ALA B 57 -4.15 10.90 -11.48
CA ALA B 57 -4.75 10.79 -12.81
C ALA B 57 -5.99 9.91 -12.74
N ALA B 58 -6.93 10.16 -13.64
CA ALA B 58 -8.14 9.36 -13.68
C ALA B 58 -7.83 7.94 -14.11
N LEU B 59 -8.64 7.00 -13.64
CA LEU B 59 -8.45 5.58 -13.88
C LEU B 59 -9.59 5.00 -14.69
N ARG B 60 -9.25 4.22 -15.71
CA ARG B 60 -10.26 3.48 -16.48
C ARG B 60 -10.54 2.18 -15.75
N SER B 61 -11.82 1.84 -15.59
CA SER B 61 -12.21 0.56 -15.01
C SER B 61 -13.26 -0.06 -15.94
N GLY B 62 -12.84 -1.04 -16.69
CA GLY B 62 -13.73 -1.56 -17.71
C GLY B 62 -14.10 -0.45 -18.68
N GLU B 63 -15.41 -0.21 -18.85
CA GLU B 63 -15.90 0.87 -19.69
C GLU B 63 -16.09 2.18 -18.93
N GLY B 64 -15.81 2.20 -17.62
CA GLY B 64 -16.06 3.35 -16.78
C GLY B 64 -14.79 4.15 -16.49
N ARG B 65 -14.99 5.33 -15.90
CA ARG B 65 -13.91 6.22 -15.49
C ARG B 65 -14.02 6.47 -14.00
N LEU B 66 -12.89 6.38 -13.29
CA LEU B 66 -12.84 6.70 -11.86
C LEU B 66 -12.07 8.00 -11.69
N ASP B 67 -12.67 8.99 -11.01
CA ASP B 67 -12.04 10.29 -10.85
C ASP B 67 -11.51 10.47 -9.43
N PRO B 68 -10.40 11.18 -9.27
CA PRO B 68 -9.84 11.40 -7.93
C PRO B 68 -10.76 12.27 -7.07
N TYR B 69 -10.95 11.81 -5.83
CA TYR B 69 -11.84 12.47 -4.88
C TYR B 69 -11.09 13.17 -3.76
N TRP B 70 -9.99 12.57 -3.29
CA TRP B 70 -9.20 13.12 -2.19
C TRP B 70 -7.76 12.63 -2.34
N GLY B 71 -6.80 13.45 -1.91
CA GLY B 71 -5.41 13.00 -1.92
C GLY B 71 -4.54 13.91 -1.08
N ASP B 72 -3.34 13.40 -0.77
CA ASP B 72 -2.39 14.15 0.07
C ASP B 72 -0.99 13.63 -0.27
N VAL B 73 -0.16 14.47 -0.87
CA VAL B 73 1.17 14.04 -1.26
C VAL B 73 2.02 13.66 -0.05
N LYS B 74 1.81 14.33 1.09
CA LYS B 74 2.66 14.04 2.25
C LYS B 74 2.34 12.68 2.85
N GLN B 75 1.07 12.28 2.86
CA GLN B 75 0.70 10.93 3.23
C GLN B 75 0.98 9.94 2.11
N ASP B 76 1.19 10.43 0.88
CA ASP B 76 1.37 9.61 -0.32
C ASP B 76 0.15 8.74 -0.60
N LEU B 77 -1.03 9.33 -0.49
CA LEU B 77 -2.29 8.59 -0.67
C LEU B 77 -3.25 9.35 -1.57
N VAL B 78 -4.11 8.60 -2.27
CA VAL B 78 -5.18 9.17 -3.08
C VAL B 78 -6.36 8.20 -3.11
N SER B 79 -7.57 8.76 -3.08
CA SER B 79 -8.79 7.96 -3.22
C SER B 79 -9.59 8.45 -4.41
N TYR B 80 -10.33 7.49 -5.01
CA TYR B 80 -11.17 7.72 -6.18
C TYR B 80 -12.63 7.37 -5.86
N CYS B 81 -13.55 8.22 -6.32
CA CYS B 81 -15.00 7.99 -6.28
C CYS B 81 -15.63 8.45 -4.98
N GLY B 82 -14.84 8.57 -3.93
CA GLY B 82 -15.33 8.94 -2.63
C GLY B 82 -14.20 9.10 -1.64
N PRO B 83 -14.56 9.38 -0.39
CA PRO B 83 -13.56 9.59 0.65
C PRO B 83 -12.86 8.32 1.05
N TRP B 84 -11.67 8.47 1.63
CA TRP B 84 -10.90 7.34 2.12
C TRP B 84 -11.75 6.51 3.08
N LYS B 85 -11.84 5.21 2.83
CA LYS B 85 -12.72 4.33 3.59
C LYS B 85 -11.99 3.39 4.54
N LEU B 86 -10.68 3.23 4.38
CA LEU B 86 -9.92 2.26 5.14
C LEU B 86 -9.51 2.87 6.48
N ASP B 87 -10.03 2.32 7.57
CA ASP B 87 -9.77 2.91 8.88
C ASP B 87 -9.20 1.94 9.89
N ALA B 88 -8.95 0.69 9.54
CA ALA B 88 -8.35 -0.24 10.48
C ALA B 88 -6.90 0.12 10.76
N ALA B 89 -6.46 -0.13 11.99
CA ALA B 89 -5.12 0.24 12.42
C ALA B 89 -4.37 -0.97 12.95
N TRP B 90 -3.08 -1.04 12.62
CA TRP B 90 -2.21 -2.02 13.26
C TRP B 90 -2.26 -1.86 14.78
N ASP B 91 -2.43 -2.98 15.48
CA ASP B 91 -2.54 -2.96 16.94
C ASP B 91 -1.21 -2.80 17.65
N GLY B 92 -0.11 -2.63 16.92
CA GLY B 92 1.18 -2.43 17.51
C GLY B 92 1.81 -3.68 18.08
N LEU B 93 1.16 -4.81 17.95
CA LEU B 93 1.57 -6.04 18.59
C LEU B 93 1.61 -7.25 17.67
N SER B 94 0.65 -7.39 16.77
CA SER B 94 0.40 -8.65 16.10
C SER B 94 1.10 -8.72 14.76
N GLU B 95 1.30 -9.94 14.29
CA GLU B 95 1.77 -10.10 12.91
C GLU B 95 0.66 -9.70 11.93
N VAL B 96 1.11 -9.32 10.72
CA VAL B 96 0.27 -8.81 9.65
C VAL B 96 0.61 -9.59 8.38
N GLN B 97 -0.18 -9.37 7.32
CA GLN B 97 0.14 -9.95 6.02
C GLN B 97 0.17 -8.87 4.95
N LEU B 98 1.27 -8.81 4.22
CA LEU B 98 1.35 -8.07 2.98
C LEU B 98 0.71 -8.94 1.89
N LEU B 99 -0.34 -8.41 1.26
CA LEU B 99 -0.95 -9.08 0.08
C LEU B 99 -0.24 -8.47 -1.12
N ALA B 100 0.94 -9.02 -1.40
CA ALA B 100 1.79 -8.46 -2.43
C ALA B 100 1.22 -8.81 -3.81
N VAL B 101 1.15 -7.81 -4.68
CA VAL B 101 0.71 -8.03 -6.07
C VAL B 101 1.82 -7.52 -6.98
N PRO B 102 2.92 -8.27 -7.13
CA PRO B 102 4.02 -7.78 -7.96
C PRO B 102 3.71 -7.85 -9.43
N PRO B 103 4.31 -6.97 -10.24
CA PRO B 103 4.11 -7.02 -11.68
C PRO B 103 4.42 -8.40 -12.24
N GLY B 104 3.51 -8.91 -13.04
CA GLY B 104 3.73 -10.19 -13.70
C GLY B 104 3.65 -11.40 -12.82
N GLU B 105 3.28 -11.26 -11.54
CA GLU B 105 3.18 -12.38 -10.62
C GLU B 105 1.82 -12.40 -9.94
N ARG B 106 1.38 -13.60 -9.57
CA ARG B 106 0.10 -13.74 -8.89
C ARG B 106 0.16 -13.11 -7.50
N ALA B 107 -1.00 -12.66 -7.01
CA ALA B 107 -1.07 -12.10 -5.67
C ALA B 107 -0.68 -13.17 -4.65
N LYS B 108 0.08 -12.76 -3.64
CA LYS B 108 0.49 -13.73 -2.62
C LYS B 108 0.62 -13.07 -1.26
N ASN B 109 0.24 -13.81 -0.23
CA ASN B 109 0.25 -13.29 1.13
C ASN B 109 1.58 -13.60 1.81
N ILE B 110 2.16 -12.59 2.45
CA ILE B 110 3.44 -12.72 3.15
C ILE B 110 3.21 -12.27 4.58
N GLN B 111 3.46 -13.15 5.54
CA GLN B 111 3.23 -12.82 6.94
C GLN B 111 4.52 -12.31 7.57
N THR B 112 4.40 -11.29 8.42
CA THR B 112 5.57 -10.64 9.00
C THR B 112 5.19 -9.96 10.31
N LEU B 113 6.17 -9.78 11.20
CA LEU B 113 5.98 -8.91 12.36
C LEU B 113 6.52 -7.53 12.04
N PRO B 114 5.70 -6.48 12.02
CA PRO B 114 6.23 -5.17 11.65
C PRO B 114 7.26 -4.65 12.64
N GLY B 115 8.24 -3.93 12.08
CA GLY B 115 9.03 -2.98 12.84
C GLY B 115 8.29 -1.67 13.04
N ILE B 116 9.06 -0.63 13.38
CA ILE B 116 8.52 0.67 13.75
C ILE B 116 9.32 1.76 13.05
N PHE B 117 8.62 2.73 12.47
CA PHE B 117 9.20 4.04 12.16
C PHE B 117 8.92 4.95 13.35
N LYS B 118 9.96 5.35 14.07
CA LYS B 118 9.81 6.28 15.19
C LYS B 118 10.03 7.69 14.63
N THR B 119 9.01 8.52 14.71
CA THR B 119 9.09 9.88 14.19
C THR B 119 8.77 10.87 15.30
N LYS B 120 9.07 12.13 15.02
CA LYS B 120 8.78 13.19 15.99
C LYS B 120 7.30 13.35 16.25
N ASP B 121 6.45 12.74 15.41
CA ASP B 121 5.01 12.87 15.53
C ASP B 121 4.35 11.52 15.82
N GLY B 122 5.09 10.61 16.44
CA GLY B 122 4.57 9.30 16.82
C GLY B 122 5.14 8.19 15.96
N ASP B 123 4.84 6.96 16.37
CA ASP B 123 5.37 5.77 15.74
C ASP B 123 4.43 5.28 14.65
N ILE B 124 5.01 4.70 13.59
CA ILE B 124 4.27 4.08 12.49
C ILE B 124 4.80 2.66 12.32
N GLY B 125 3.90 1.69 12.25
CA GLY B 125 4.33 0.35 11.88
C GLY B 125 5.01 0.35 10.52
N ALA B 126 5.92 -0.60 10.33
CA ALA B 126 6.71 -0.63 9.10
C ALA B 126 7.13 -2.07 8.81
N VAL B 127 7.10 -2.48 7.54
CA VAL B 127 7.37 -3.86 7.17
C VAL B 127 8.63 -3.95 6.33
N ALA B 128 9.48 -4.92 6.70
CA ALA B 128 10.78 -5.12 6.05
C ALA B 128 10.67 -6.21 4.99
N LEU B 129 10.00 -5.84 3.89
CA LEU B 129 9.78 -6.72 2.76
C LEU B 129 10.09 -5.94 1.49
N ASP B 130 10.72 -6.60 0.53
CA ASP B 130 11.27 -5.93 -0.66
C ASP B 130 10.64 -6.49 -1.93
N TYR B 131 10.03 -5.61 -2.72
CA TYR B 131 9.35 -5.95 -3.96
C TYR B 131 9.59 -4.86 -4.98
N PRO B 132 9.32 -5.15 -6.27
CA PRO B 132 9.52 -4.13 -7.32
C PRO B 132 8.64 -2.90 -7.13
N ALA B 133 9.10 -1.79 -7.74
CA ALA B 133 8.39 -0.51 -7.66
C ALA B 133 6.88 -0.65 -7.91
N GLY B 134 6.51 -1.44 -8.94
CA GLY B 134 5.09 -1.54 -9.29
C GLY B 134 4.24 -2.34 -8.33
N THR B 135 4.82 -2.83 -7.25
CA THR B 135 4.08 -3.42 -6.16
C THR B 135 3.50 -2.37 -5.21
N SER B 136 3.87 -1.10 -5.40
CA SER B 136 3.36 0.01 -4.61
C SER B 136 1.84 0.00 -4.59
N GLY B 137 1.27 0.18 -3.38
CA GLY B 137 -0.16 0.17 -3.16
C GLY B 137 -0.72 -1.15 -2.68
N SER B 138 0.11 -2.19 -2.62
CA SER B 138 -0.38 -3.49 -2.20
C SER B 138 -0.86 -3.37 -0.75
N PRO B 139 -1.99 -3.97 -0.41
CA PRO B 139 -2.54 -3.79 0.93
C PRO B 139 -1.87 -4.64 1.97
N ILE B 140 -1.85 -4.11 3.18
CA ILE B 140 -1.37 -4.80 4.37
C ILE B 140 -2.57 -5.12 5.26
N LEU B 141 -2.63 -6.34 5.76
CA LEU B 141 -3.83 -6.88 6.38
C LEU B 141 -3.61 -7.26 7.83
N ASP B 142 -4.65 -7.10 8.63
CA ASP B 142 -4.66 -7.72 9.95
C ASP B 142 -5.30 -9.09 9.86
N LYS B 143 -5.40 -9.76 11.01
CA LYS B 143 -5.84 -11.16 11.06
C LYS B 143 -7.29 -11.33 10.63
N CYS B 144 -8.08 -10.26 10.69
CA CYS B 144 -9.48 -10.28 10.28
C CYS B 144 -9.65 -9.92 8.82
N GLY B 145 -8.55 -9.74 8.08
CA GLY B 145 -8.57 -9.37 6.70
C GLY B 145 -8.81 -7.91 6.42
N ARG B 146 -8.85 -7.06 7.46
CA ARG B 146 -9.02 -5.62 7.25
C ARG B 146 -7.73 -5.00 6.75
N VAL B 147 -7.85 -3.98 5.90
CA VAL B 147 -6.66 -3.32 5.37
C VAL B 147 -6.22 -2.25 6.37
N ILE B 148 -5.05 -2.46 6.98
CA ILE B 148 -4.51 -1.51 7.96
C ILE B 148 -3.53 -0.52 7.32
N GLY B 149 -3.33 -0.62 6.01
CA GLY B 149 -2.51 0.35 5.31
C GLY B 149 -2.04 -0.19 3.98
N LEU B 150 -1.32 0.67 3.26
CA LEU B 150 -0.77 0.33 1.95
C LEU B 150 0.76 0.36 1.98
N TYR B 151 1.35 -0.57 1.22
CA TYR B 151 2.78 -0.77 1.08
C TYR B 151 3.37 0.08 -0.02
N GLY B 152 4.55 0.64 0.25
CA GLY B 152 5.35 1.20 -0.82
C GLY B 152 5.92 2.59 -0.64
N ASN B 153 5.73 3.22 0.52
CA ASN B 153 6.46 4.45 0.84
C ASN B 153 7.36 4.15 2.04
N GLY B 154 8.66 4.21 1.82
CA GLY B 154 9.58 3.77 2.86
C GLY B 154 10.96 4.31 2.71
N VAL B 155 11.92 3.52 3.21
CA VAL B 155 13.32 3.93 3.28
C VAL B 155 14.18 2.73 2.90
N VAL B 156 15.41 3.02 2.50
CA VAL B 156 16.45 2.03 2.25
C VAL B 156 17.47 2.11 3.37
N ILE B 157 17.79 0.97 3.96
CA ILE B 157 18.75 0.96 5.07
C ILE B 157 20.14 0.59 4.56
N LYS B 158 21.10 0.51 5.47
CA LYS B 158 22.51 0.46 5.12
C LYS B 158 22.85 -0.76 4.26
N ASN B 159 22.19 -1.88 4.50
CA ASN B 159 22.54 -3.09 3.75
C ASN B 159 21.82 -3.17 2.42
N GLY B 160 21.10 -2.11 2.07
CA GLY B 160 20.39 -2.06 0.82
C GLY B 160 18.98 -2.57 0.87
N SER B 161 18.55 -3.19 1.96
CA SER B 161 17.18 -3.68 1.96
C SER B 161 16.21 -2.54 2.27
N TYR B 162 14.93 -2.88 2.25
CA TYR B 162 13.84 -1.92 2.22
C TYR B 162 12.94 -2.08 3.43
N VAL B 163 12.44 -0.95 3.92
CA VAL B 163 11.42 -0.96 4.97
C VAL B 163 10.33 0.01 4.54
N SER B 164 9.10 -0.50 4.43
CA SER B 164 7.94 0.28 4.04
C SER B 164 7.13 0.69 5.26
N ALA B 165 6.70 1.96 5.28
CA ALA B 165 5.69 2.35 6.25
C ALA B 165 4.41 1.57 5.97
N ILE B 166 3.66 1.29 7.03
CA ILE B 166 2.26 0.85 6.90
C ILE B 166 1.46 2.14 6.81
N THR B 167 1.20 2.61 5.58
CA THR B 167 0.60 3.92 5.36
C THR B 167 -0.91 3.79 5.37
N GLN B 168 -1.58 4.45 6.33
CA GLN B 168 -3.04 4.45 6.45
C GLN B 168 -3.54 5.89 6.44
N GLY B 169 -4.68 6.09 5.80
CA GLY B 169 -5.31 7.40 5.76
C GLY B 169 -6.24 7.63 6.92
N LYS B 170 -6.95 8.75 6.84
CA LYS B 170 -7.95 9.12 7.85
C LYS B 170 -9.34 9.00 7.23
N ARG B 171 -10.22 8.25 7.89
CA ARG B 171 -11.62 8.15 7.48
C ARG B 171 -12.51 8.94 8.45
#